data_1M49
#
_entry.id   1M49
#
_cell.length_a   51.323
_cell.length_b   58.379
_cell.length_c   93.507
_cell.angle_alpha   90.00
_cell.angle_beta   90.00
_cell.angle_gamma   90.00
#
_symmetry.space_group_name_H-M   'P 21 21 21'
#
loop_
_entity.id
_entity.type
_entity.pdbx_description
1 polymer interleukin-2
2 non-polymer '2-[2-(1-CARBAMIMIDOYL-PIPERIDIN-3-YL)-ACETYLAMINO]-3-{4-[2-(3-OXALYL-1H-INDOL-7-YL)ETHYL]-PHENYL}-PROPIONIC ACID METHYL ESTER'
3 water water
#
_entity_poly.entity_id   1
_entity_poly.type   'polypeptide(L)'
_entity_poly.pdbx_seq_one_letter_code
;APTSSSTKKTQLQLEHLLLDLQMILNGINNYKNPKLTRMLTFKFYMPKKATELKHLQCLEEELKPLEEVLNLAQSKNFHL
RPRDLISNINVIVLELKGSETTFMCEYADETATIVEFLNRWITFCQSIISTLT
;
_entity_poly.pdbx_strand_id   A,B
#
# COMPACT_ATOMS: atom_id res chain seq x y z
N SER A 4 19.21 -2.40 -9.36
CA SER A 4 18.70 -1.35 -10.30
C SER A 4 17.39 -0.76 -9.78
N SER A 5 16.82 0.17 -10.56
CA SER A 5 15.57 0.81 -10.18
C SER A 5 14.38 0.01 -10.68
N SER A 6 14.64 -0.90 -11.61
CA SER A 6 13.60 -1.75 -12.16
C SER A 6 13.21 -2.79 -11.12
N THR A 7 14.22 -3.35 -10.45
CA THR A 7 14.00 -4.35 -9.42
C THR A 7 13.40 -3.72 -8.16
N LYS A 8 13.84 -2.50 -7.84
CA LYS A 8 13.33 -1.78 -6.69
C LYS A 8 11.84 -1.46 -6.89
N LYS A 9 11.48 -1.14 -8.13
CA LYS A 9 10.10 -0.82 -8.46
C LYS A 9 9.25 -2.06 -8.24
N THR A 10 9.76 -3.20 -8.66
CA THR A 10 9.09 -4.48 -8.48
C THR A 10 8.94 -4.80 -7.00
N GLN A 11 10.04 -4.60 -6.26
CA GLN A 11 10.04 -4.82 -4.81
C GLN A 11 9.00 -3.96 -4.09
N LEU A 12 8.89 -2.69 -4.47
CA LEU A 12 7.94 -1.83 -3.78
C LEU A 12 6.52 -2.29 -4.08
N GLN A 13 6.29 -2.70 -5.32
CA GLN A 13 4.98 -3.17 -5.74
C GLN A 13 4.56 -4.41 -4.94
N LEU A 14 5.47 -5.34 -4.77
CA LEU A 14 5.22 -6.53 -3.95
C LEU A 14 4.97 -6.15 -2.48
N GLU A 15 5.72 -5.18 -1.96
CA GLU A 15 5.53 -4.76 -0.58
C GLU A 15 4.16 -4.14 -0.44
N HIS A 16 3.72 -3.44 -1.49
CA HIS A 16 2.40 -2.82 -1.49
C HIS A 16 1.30 -3.86 -1.47
N LEU A 17 1.38 -4.82 -2.38
CA LEU A 17 0.41 -5.90 -2.47
C LEU A 17 0.35 -6.69 -1.16
N LEU A 18 1.52 -7.00 -0.59
CA LEU A 18 1.61 -7.71 0.68
C LEU A 18 0.89 -6.96 1.81
N LEU A 19 1.13 -5.65 1.88
CA LEU A 19 0.53 -4.78 2.87
C LEU A 19 -0.98 -4.69 2.76
N ASP A 20 -1.50 -4.57 1.54
CA ASP A 20 -2.93 -4.54 1.35
C ASP A 20 -3.55 -5.86 1.84
N LEU A 21 -2.89 -6.97 1.53
CA LEU A 21 -3.40 -8.27 1.93
C LEU A 21 -3.42 -8.40 3.44
N GLN A 22 -2.32 -7.96 4.06
CA GLN A 22 -2.17 -7.99 5.51
C GLN A 22 -3.18 -7.09 6.20
N MET A 23 -3.55 -5.99 5.54
CA MET A 23 -4.52 -5.07 6.12
C MET A 23 -5.91 -5.70 6.11
N ILE A 24 -6.24 -6.38 5.01
CA ILE A 24 -7.51 -7.09 4.93
C ILE A 24 -7.54 -8.18 6.01
N LEU A 25 -6.47 -8.94 6.11
CA LEU A 25 -6.41 -10.00 7.12
C LEU A 25 -6.60 -9.44 8.53
N ASN A 26 -5.92 -8.33 8.83
CA ASN A 26 -6.01 -7.75 10.17
C ASN A 26 -7.43 -7.31 10.49
N GLY A 27 -8.14 -6.88 9.46
CA GLY A 27 -9.53 -6.47 9.61
C GLY A 27 -10.39 -7.58 10.14
N ILE A 28 -10.05 -8.82 9.77
CA ILE A 28 -10.82 -9.98 10.20
C ILE A 28 -10.85 -10.13 11.72
N ASN A 29 -9.75 -9.75 12.39
CA ASN A 29 -9.68 -9.82 13.85
C ASN A 29 -10.76 -9.02 14.57
N ASN A 30 -11.41 -8.11 13.88
CA ASN A 30 -12.42 -7.26 14.50
C ASN A 30 -13.86 -7.64 14.17
N TYR A 31 -14.04 -8.51 13.18
CA TYR A 31 -15.37 -8.96 12.80
C TYR A 31 -16.03 -9.69 13.97
N LYS A 32 -17.30 -9.41 14.21
CA LYS A 32 -18.03 -10.08 15.28
C LYS A 32 -18.38 -11.51 14.91
N ASN A 33 -18.81 -12.28 15.91
CA ASN A 33 -19.06 -13.71 15.76
C ASN A 33 -20.05 -14.21 14.70
N PRO A 34 -21.30 -13.75 14.76
CA PRO A 34 -22.30 -14.21 13.80
C PRO A 34 -21.72 -13.97 12.42
N LYS A 35 -21.21 -12.76 12.24
CA LYS A 35 -20.58 -12.33 11.00
C LYS A 35 -19.40 -13.25 10.61
N LEU A 36 -18.48 -13.45 11.54
CA LEU A 36 -17.30 -14.27 11.27
C LEU A 36 -17.67 -15.66 10.78
N THR A 37 -18.56 -16.33 11.50
CA THR A 37 -18.93 -17.70 11.16
C THR A 37 -19.44 -17.80 9.71
N ARG A 38 -20.33 -16.89 9.34
CA ARG A 38 -20.88 -16.88 7.99
C ARG A 38 -19.75 -16.73 6.96
N MET A 39 -18.90 -15.74 7.16
CA MET A 39 -17.81 -15.43 6.23
C MET A 39 -16.84 -16.58 6.01
N LEU A 40 -16.61 -17.38 7.05
CA LEU A 40 -15.66 -18.49 6.93
C LEU A 40 -16.16 -19.62 6.05
N THR A 41 -17.46 -19.63 5.74
CA THR A 41 -18.01 -20.65 4.87
C THR A 41 -17.94 -20.24 3.38
N PHE A 42 -17.60 -18.98 3.13
CA PHE A 42 -17.37 -18.50 1.76
C PHE A 42 -15.99 -19.03 1.38
N LYS A 43 -15.93 -19.90 0.38
CA LYS A 43 -14.69 -20.57 0.00
C LYS A 43 -13.90 -19.89 -1.11
N PHE A 44 -12.58 -20.00 -1.04
CA PHE A 44 -11.67 -19.46 -2.04
C PHE A 44 -10.87 -20.57 -2.71
N TYR A 45 -10.51 -20.34 -3.97
CA TYR A 45 -9.69 -21.33 -4.70
C TYR A 45 -8.21 -20.99 -4.58
N MET A 46 -7.40 -22.02 -4.34
CA MET A 46 -5.97 -21.86 -4.12
C MET A 46 -5.13 -22.36 -5.28
N PRO A 47 -4.01 -21.70 -5.53
CA PRO A 47 -3.11 -22.12 -6.62
C PRO A 47 -2.41 -23.40 -6.24
N LYS A 48 -2.22 -24.31 -7.18
CA LYS A 48 -1.50 -25.54 -6.89
C LYS A 48 -0.05 -25.16 -6.64
N LYS A 49 0.46 -24.29 -7.51
CA LYS A 49 1.83 -23.81 -7.41
C LYS A 49 1.83 -22.30 -7.62
N ALA A 50 2.42 -21.58 -6.68
CA ALA A 50 2.55 -20.14 -6.83
C ALA A 50 3.92 -19.80 -6.28
N THR A 51 4.87 -19.62 -7.19
CA THR A 51 6.25 -19.31 -6.82
C THR A 51 6.86 -18.28 -7.75
N GLU A 52 6.11 -17.87 -8.78
CA GLU A 52 6.59 -16.90 -9.77
C GLU A 52 5.54 -15.83 -10.04
N LEU A 53 5.98 -14.66 -10.51
CA LEU A 53 5.06 -13.56 -10.77
C LEU A 53 3.88 -13.96 -11.67
N LYS A 54 4.14 -14.78 -12.68
CA LYS A 54 3.07 -15.18 -13.59
C LYS A 54 1.91 -15.85 -12.84
N HIS A 55 2.23 -16.56 -11.77
CA HIS A 55 1.20 -17.22 -10.96
C HIS A 55 0.20 -16.26 -10.32
N LEU A 56 0.50 -14.98 -10.36
CA LEU A 56 -0.38 -13.95 -9.80
C LEU A 56 -1.74 -13.89 -10.50
N GLN A 57 -1.85 -14.52 -11.66
CA GLN A 57 -3.14 -14.61 -12.35
C GLN A 57 -4.10 -15.41 -11.47
N CYS A 58 -3.55 -16.36 -10.72
CA CYS A 58 -4.35 -17.17 -9.79
C CYS A 58 -4.94 -16.32 -8.68
N LEU A 59 -4.29 -15.20 -8.37
CA LEU A 59 -4.83 -14.28 -7.38
C LEU A 59 -5.86 -13.35 -8.05
N GLU A 60 -5.54 -12.91 -9.26
CA GLU A 60 -6.40 -11.95 -9.98
C GLU A 60 -7.78 -12.52 -10.22
N GLU A 61 -7.84 -13.78 -10.62
CA GLU A 61 -9.12 -14.41 -10.89
C GLU A 61 -9.97 -14.52 -9.61
N GLU A 62 -9.32 -14.53 -8.45
CA GLU A 62 -10.04 -14.64 -7.18
C GLU A 62 -10.35 -13.29 -6.54
N LEU A 63 -9.97 -12.20 -7.19
CA LEU A 63 -10.27 -10.89 -6.64
C LEU A 63 -11.78 -10.56 -6.62
N LYS A 64 -12.55 -11.07 -7.58
CA LYS A 64 -14.00 -10.79 -7.58
C LYS A 64 -14.69 -11.40 -6.35
N PRO A 65 -14.53 -12.70 -6.13
CA PRO A 65 -15.07 -13.32 -4.93
C PRO A 65 -14.54 -12.60 -3.69
N LEU A 66 -13.29 -12.14 -3.72
CA LEU A 66 -12.73 -11.41 -2.58
C LEU A 66 -13.54 -10.13 -2.37
N GLU A 67 -13.78 -9.38 -3.44
CA GLU A 67 -14.59 -8.16 -3.32
C GLU A 67 -15.98 -8.47 -2.76
N GLU A 68 -16.59 -9.54 -3.26
CA GLU A 68 -17.92 -9.95 -2.85
C GLU A 68 -18.03 -10.13 -1.36
N VAL A 69 -17.09 -10.88 -0.81
CA VAL A 69 -17.16 -11.18 0.61
C VAL A 69 -16.85 -9.95 1.43
N LEU A 70 -15.93 -9.13 0.95
CA LEU A 70 -15.56 -7.91 1.66
C LEU A 70 -16.73 -6.91 1.71
N ASN A 71 -17.57 -6.92 0.68
CA ASN A 71 -18.73 -6.05 0.64
C ASN A 71 -19.75 -6.52 1.66
N LEU A 72 -20.00 -7.82 1.68
CA LEU A 72 -20.92 -8.39 2.66
C LEU A 72 -20.44 -8.04 4.07
N ALA A 73 -19.14 -8.20 4.31
CA ALA A 73 -18.56 -7.92 5.61
C ALA A 73 -17.99 -6.51 5.69
N GLN A 74 -18.85 -5.52 5.86
CA GLN A 74 -18.42 -4.13 5.98
C GLN A 74 -19.44 -3.34 6.79
N ARG A 81 -13.68 1.90 0.46
CA ARG A 81 -14.66 0.99 -0.12
C ARG A 81 -13.97 -0.21 -0.76
N PRO A 82 -14.54 -1.39 -0.56
CA PRO A 82 -13.95 -2.63 -1.10
C PRO A 82 -13.72 -2.54 -2.61
N ARG A 83 -14.67 -1.97 -3.35
CA ARG A 83 -14.50 -1.82 -4.78
C ARG A 83 -13.17 -1.14 -5.11
N ASP A 84 -12.87 -0.06 -4.40
CA ASP A 84 -11.64 0.69 -4.62
C ASP A 84 -10.39 -0.10 -4.23
N LEU A 85 -10.42 -0.72 -3.05
CA LEU A 85 -9.30 -1.51 -2.56
C LEU A 85 -8.92 -2.60 -3.55
N ILE A 86 -9.91 -3.40 -3.92
CA ILE A 86 -9.68 -4.53 -4.80
C ILE A 86 -9.17 -4.04 -6.15
N SER A 87 -9.80 -3.00 -6.69
CA SER A 87 -9.34 -2.41 -7.94
C SER A 87 -7.85 -2.08 -7.83
N ASN A 88 -7.46 -1.43 -6.73
CA ASN A 88 -6.07 -1.10 -6.50
C ASN A 88 -5.17 -2.33 -6.45
N ILE A 89 -5.66 -3.40 -5.85
CA ILE A 89 -4.88 -4.63 -5.83
C ILE A 89 -4.73 -5.20 -7.24
N ASN A 90 -5.81 -5.15 -8.03
CA ASN A 90 -5.75 -5.65 -9.40
C ASN A 90 -4.72 -4.87 -10.21
N VAL A 91 -4.67 -3.55 -10.00
CA VAL A 91 -3.70 -2.69 -10.65
C VAL A 91 -2.27 -3.14 -10.34
N ILE A 92 -2.00 -3.40 -9.05
CA ILE A 92 -0.67 -3.85 -8.64
C ILE A 92 -0.33 -5.19 -9.29
N VAL A 93 -1.29 -6.11 -9.26
CA VAL A 93 -1.10 -7.43 -9.83
C VAL A 93 -0.78 -7.34 -11.33
N LEU A 94 -1.55 -6.52 -12.02
CA LEU A 94 -1.33 -6.33 -13.45
C LEU A 94 0.09 -5.79 -13.71
N GLU A 95 0.51 -4.84 -12.88
CA GLU A 95 1.83 -4.23 -12.99
C GLU A 95 2.95 -5.23 -12.76
N LEU A 96 2.74 -6.17 -11.84
CA LEU A 96 3.76 -7.15 -11.48
C LEU A 96 3.93 -8.28 -12.48
N LYS A 97 2.82 -8.84 -12.95
CA LYS A 97 2.96 -9.97 -13.87
C LYS A 97 2.92 -9.54 -15.34
N GLY A 98 2.43 -8.34 -15.58
CA GLY A 98 2.28 -7.86 -16.94
C GLY A 98 1.13 -8.57 -17.61
N SER A 99 0.74 -8.13 -18.79
CA SER A 99 -0.36 -8.78 -19.50
C SER A 99 0.12 -9.56 -20.71
N GLU A 100 1.43 -9.51 -20.95
CA GLU A 100 2.01 -10.18 -22.12
C GLU A 100 2.10 -11.69 -21.99
N THR A 101 2.39 -12.19 -20.79
CA THR A 101 2.52 -13.63 -20.60
C THR A 101 1.19 -14.36 -20.55
N THR A 102 1.09 -15.45 -21.29
CA THR A 102 -0.10 -16.28 -21.29
C THR A 102 0.13 -17.46 -20.38
N PHE A 103 -0.51 -17.46 -19.22
CA PHE A 103 -0.42 -18.57 -18.28
C PHE A 103 -1.82 -18.91 -17.80
N MET A 104 -2.11 -20.20 -17.70
CA MET A 104 -3.41 -20.65 -17.24
C MET A 104 -3.28 -21.18 -15.81
N CYS A 105 -4.13 -20.66 -14.93
CA CYS A 105 -4.03 -21.01 -13.51
C CYS A 105 -4.50 -22.41 -13.15
N GLU A 106 -3.64 -23.13 -12.43
CA GLU A 106 -3.96 -24.45 -11.92
C GLU A 106 -4.35 -24.31 -10.47
N TYR A 107 -5.55 -24.75 -10.12
CA TYR A 107 -6.05 -24.66 -8.75
C TYR A 107 -6.06 -26.03 -8.08
N ALA A 108 -5.80 -26.06 -6.77
CA ALA A 108 -5.87 -27.30 -6.02
C ALA A 108 -7.33 -27.74 -5.91
N ASP A 109 -7.54 -28.97 -5.47
CA ASP A 109 -8.87 -29.51 -5.32
C ASP A 109 -9.57 -28.91 -4.10
N GLU A 110 -8.84 -28.79 -3.00
CA GLU A 110 -9.40 -28.27 -1.76
C GLU A 110 -9.49 -26.74 -1.78
N THR A 111 -10.70 -26.23 -1.52
CA THR A 111 -10.89 -24.79 -1.41
C THR A 111 -10.50 -24.36 0.00
N ALA A 112 -10.57 -23.07 0.30
CA ALA A 112 -10.13 -22.60 1.59
C ALA A 112 -10.86 -21.35 2.09
N THR A 113 -10.75 -21.09 3.38
CA THR A 113 -11.36 -19.89 3.96
C THR A 113 -10.56 -18.69 3.53
N ILE A 114 -11.14 -17.51 3.72
CA ILE A 114 -10.46 -16.27 3.40
C ILE A 114 -9.14 -16.10 4.17
N VAL A 115 -9.05 -16.66 5.36
CA VAL A 115 -7.84 -16.57 6.19
C VAL A 115 -6.65 -17.27 5.53
N GLU A 116 -6.88 -18.51 5.11
CA GLU A 116 -5.85 -19.32 4.46
C GLU A 116 -5.48 -18.76 3.08
N PHE A 117 -6.47 -18.17 2.42
CA PHE A 117 -6.26 -17.58 1.10
C PHE A 117 -5.32 -16.38 1.22
N LEU A 118 -5.61 -15.50 2.17
CA LEU A 118 -4.76 -14.34 2.40
C LEU A 118 -3.35 -14.76 2.89
N ASN A 119 -3.29 -15.70 3.83
CA ASN A 119 -2.00 -16.18 4.32
C ASN A 119 -1.15 -16.71 3.14
N ARG A 120 -1.75 -17.50 2.27
CA ARG A 120 -1.00 -18.06 1.14
C ARG A 120 -0.45 -16.99 0.18
N TRP A 121 -1.21 -15.93 -0.07
CA TRP A 121 -0.75 -14.87 -0.98
C TRP A 121 0.23 -13.92 -0.31
N ILE A 122 0.10 -13.78 1.01
CA ILE A 122 1.06 -13.03 1.79
C ILE A 122 2.42 -13.75 1.73
N THR A 123 2.39 -15.08 1.89
CA THR A 123 3.61 -15.90 1.80
C THR A 123 4.22 -15.82 0.41
N PHE A 124 3.38 -15.92 -0.61
CA PHE A 124 3.82 -15.72 -1.98
C PHE A 124 4.59 -14.41 -2.13
N CYS A 125 3.99 -13.32 -1.64
CA CYS A 125 4.60 -11.99 -1.73
C CYS A 125 5.97 -11.93 -1.02
N GLN A 126 6.03 -12.49 0.19
CA GLN A 126 7.28 -12.51 0.95
C GLN A 126 8.36 -13.35 0.24
N SER A 127 7.92 -14.46 -0.37
CA SER A 127 8.77 -15.37 -1.11
C SER A 127 9.42 -14.66 -2.31
N ILE A 128 8.63 -13.92 -3.08
CA ILE A 128 9.23 -13.23 -4.22
C ILE A 128 10.17 -12.15 -3.73
N ILE A 129 9.72 -11.35 -2.77
CA ILE A 129 10.54 -10.29 -2.20
C ILE A 129 11.90 -10.83 -1.76
N SER A 130 11.90 -12.01 -1.14
CA SER A 130 13.14 -12.59 -0.67
C SER A 130 14.13 -12.91 -1.80
N THR A 131 13.63 -13.33 -2.95
CA THR A 131 14.49 -13.67 -4.08
C THR A 131 15.10 -12.46 -4.78
N LEU A 132 14.65 -11.27 -4.44
CA LEU A 132 15.18 -10.07 -5.07
C LEU A 132 16.42 -9.60 -4.32
N SER B 4 -1.67 -6.19 20.08
CA SER B 4 -3.05 -5.65 19.95
C SER B 4 -3.44 -5.40 18.49
N SER B 5 -4.72 -5.60 18.19
CA SER B 5 -5.24 -5.44 16.83
C SER B 5 -5.28 -3.99 16.38
N SER B 6 -5.46 -3.08 17.33
CA SER B 6 -5.53 -1.67 17.03
C SER B 6 -4.13 -1.12 16.78
N THR B 7 -3.17 -1.63 17.54
CA THR B 7 -1.79 -1.20 17.38
C THR B 7 -1.25 -1.73 16.06
N LYS B 8 -1.55 -2.99 15.77
CA LYS B 8 -1.11 -3.60 14.51
C LYS B 8 -1.69 -2.78 13.37
N LYS B 9 -2.92 -2.31 13.55
CA LYS B 9 -3.57 -1.50 12.53
C LYS B 9 -2.77 -0.22 12.31
N THR B 10 -2.30 0.39 13.39
CA THR B 10 -1.53 1.62 13.31
C THR B 10 -0.22 1.35 12.60
N GLN B 11 0.39 0.22 12.91
CA GLN B 11 1.64 -0.18 12.30
C GLN B 11 1.47 -0.29 10.79
N LEU B 12 0.44 -1.03 10.37
CA LEU B 12 0.23 -1.28 8.95
C LEU B 12 -0.04 0.02 8.17
N GLN B 13 -0.76 0.94 8.80
CA GLN B 13 -1.05 2.23 8.20
C GLN B 13 0.26 3.02 8.00
N LEU B 14 1.06 3.12 9.06
CA LEU B 14 2.35 3.78 8.96
C LEU B 14 3.21 3.12 7.88
N GLU B 15 3.18 1.78 7.83
CA GLU B 15 3.96 1.06 6.84
C GLU B 15 3.48 1.37 5.43
N HIS B 16 2.17 1.52 5.28
CA HIS B 16 1.60 1.83 3.98
C HIS B 16 1.89 3.27 3.57
N LEU B 17 1.86 4.18 4.53
CA LEU B 17 2.17 5.56 4.21
C LEU B 17 3.62 5.62 3.75
N LEU B 18 4.48 4.94 4.52
CA LEU B 18 5.91 4.90 4.19
C LEU B 18 6.13 4.42 2.77
N LEU B 19 5.47 3.33 2.41
CA LEU B 19 5.64 2.73 1.08
C LEU B 19 5.14 3.62 -0.04
N ASP B 20 4.00 4.26 0.16
CA ASP B 20 3.49 5.17 -0.84
C ASP B 20 4.51 6.27 -1.12
N LEU B 21 5.11 6.82 -0.06
CA LEU B 21 6.08 7.89 -0.20
C LEU B 21 7.34 7.38 -0.89
N GLN B 22 7.78 6.20 -0.49
CA GLN B 22 8.90 5.53 -1.15
C GLN B 22 8.66 5.33 -2.63
N MET B 23 7.44 4.96 -2.99
CA MET B 23 7.08 4.69 -4.39
C MET B 23 7.13 5.97 -5.24
N ILE B 24 6.70 7.08 -4.66
CA ILE B 24 6.80 8.36 -5.35
C ILE B 24 8.28 8.70 -5.54
N LEU B 25 9.05 8.62 -4.47
CA LEU B 25 10.47 8.94 -4.55
C LEU B 25 11.11 8.10 -5.65
N ASN B 26 10.93 6.79 -5.58
CA ASN B 26 11.46 5.88 -6.58
C ASN B 26 11.02 6.27 -8.00
N GLY B 27 9.75 6.61 -8.14
CA GLY B 27 9.23 7.02 -9.43
C GLY B 27 9.96 8.25 -9.93
N ILE B 28 10.14 9.22 -9.04
CA ILE B 28 10.76 10.49 -9.38
C ILE B 28 12.22 10.40 -9.78
N ASN B 29 12.96 9.44 -9.21
CA ASN B 29 14.37 9.28 -9.53
C ASN B 29 14.67 7.97 -10.27
N PRO B 34 14.28 13.85 -17.86
CA PRO B 34 13.81 15.05 -18.55
C PRO B 34 13.29 16.08 -17.57
N LYS B 35 12.07 15.85 -17.10
CA LYS B 35 11.31 16.73 -16.22
C LYS B 35 11.90 17.09 -14.83
N LEU B 36 12.91 16.33 -14.39
CA LEU B 36 13.40 16.46 -13.03
C LEU B 36 13.94 17.82 -12.54
N THR B 37 14.81 18.47 -13.30
CA THR B 37 15.35 19.75 -12.80
C THR B 37 14.29 20.84 -12.70
N ARG B 38 13.30 20.82 -13.59
CA ARG B 38 12.20 21.77 -13.45
C ARG B 38 11.37 21.40 -12.22
N MET B 39 11.23 20.10 -11.98
CA MET B 39 10.48 19.61 -10.83
C MET B 39 11.13 20.09 -9.51
N LEU B 40 12.45 20.18 -9.53
CA LEU B 40 13.22 20.56 -8.35
C LEU B 40 13.08 22.02 -7.94
N THR B 41 12.38 22.84 -8.74
CA THR B 41 12.18 24.23 -8.37
C THR B 41 10.79 24.49 -7.75
N PHE B 42 9.96 23.45 -7.71
CA PHE B 42 8.63 23.55 -7.11
C PHE B 42 8.83 23.19 -5.66
N LYS B 43 8.70 24.18 -4.78
CA LYS B 43 9.08 24.03 -3.37
C LYS B 43 8.03 23.50 -2.42
N PHE B 44 8.52 22.85 -1.37
CA PHE B 44 7.68 22.29 -0.33
C PHE B 44 8.04 22.82 1.04
N TYR B 45 7.03 22.91 1.90
CA TYR B 45 7.23 23.34 3.26
C TYR B 45 7.58 22.14 4.16
N MET B 46 8.58 22.32 5.01
CA MET B 46 9.08 21.26 5.87
C MET B 46 8.72 21.50 7.33
N PRO B 47 8.45 20.43 8.07
CA PRO B 47 8.05 20.56 9.47
C PRO B 47 9.22 20.95 10.36
N LYS B 48 9.01 21.85 11.32
CA LYS B 48 10.06 22.20 12.27
C LYS B 48 10.36 20.94 13.06
N LYS B 49 9.29 20.30 13.52
CA LYS B 49 9.40 19.09 14.31
C LYS B 49 8.39 18.09 13.78
N ALA B 50 8.75 16.83 13.85
CA ALA B 50 7.87 15.73 13.44
C ALA B 50 8.41 14.53 14.17
N THR B 51 7.77 14.19 15.28
CA THR B 51 8.20 13.08 16.12
C THR B 51 7.02 12.22 16.53
N GLU B 52 5.83 12.79 16.44
CA GLU B 52 4.61 12.10 16.83
C GLU B 52 3.62 12.10 15.68
N LEU B 53 2.59 11.28 15.81
CA LEU B 53 1.55 11.17 14.79
C LEU B 53 0.83 12.50 14.53
N LYS B 54 0.59 13.26 15.59
CA LYS B 54 -0.11 14.53 15.43
C LYS B 54 0.64 15.47 14.47
N HIS B 55 1.95 15.31 14.41
CA HIS B 55 2.75 16.13 13.51
C HIS B 55 2.48 15.85 12.04
N LEU B 56 1.70 14.80 11.76
CA LEU B 56 1.34 14.47 10.38
C LEU B 56 0.49 15.57 9.78
N GLN B 57 0.11 16.55 10.61
CA GLN B 57 -0.67 17.67 10.11
C GLN B 57 0.19 18.41 9.10
N CYS B 58 1.50 18.41 9.34
CA CYS B 58 2.46 19.08 8.48
C CYS B 58 2.47 18.48 7.08
N LEU B 59 2.24 17.18 7.00
CA LEU B 59 2.20 16.45 5.73
C LEU B 59 0.87 16.65 5.02
N GLU B 60 -0.23 16.51 5.76
CA GLU B 60 -1.57 16.69 5.22
C GLU B 60 -1.71 17.99 4.43
N GLU B 61 -1.25 19.08 5.03
CA GLU B 61 -1.36 20.43 4.45
C GLU B 61 -0.54 20.58 3.17
N GLU B 62 0.43 19.68 2.98
CA GLU B 62 1.28 19.74 1.79
C GLU B 62 0.85 18.75 0.71
N LEU B 63 -0.24 18.04 0.92
CA LEU B 63 -0.67 17.04 -0.07
C LEU B 63 -1.17 17.66 -1.39
N LYS B 64 -1.82 18.82 -1.34
CA LYS B 64 -2.26 19.42 -2.61
C LYS B 64 -1.05 19.72 -3.53
N PRO B 65 -0.07 20.47 -3.02
CA PRO B 65 1.17 20.75 -3.76
C PRO B 65 1.87 19.47 -4.27
N LEU B 66 1.94 18.44 -3.42
CA LEU B 66 2.55 17.18 -3.80
C LEU B 66 1.84 16.62 -5.04
N GLU B 67 0.52 16.60 -5.01
CA GLU B 67 -0.23 16.07 -6.13
C GLU B 67 0.07 16.88 -7.39
N GLU B 68 0.10 18.20 -7.23
CA GLU B 68 0.33 19.11 -8.36
C GLU B 68 1.68 18.89 -9.04
N VAL B 69 2.75 18.80 -8.26
CA VAL B 69 4.06 18.64 -8.89
C VAL B 69 4.14 17.33 -9.67
N LEU B 70 3.49 16.29 -9.17
CA LEU B 70 3.49 15.01 -9.86
C LEU B 70 2.67 15.12 -11.15
N ASN B 71 1.59 15.91 -11.10
CA ASN B 71 0.79 16.18 -12.29
C ASN B 71 1.69 16.83 -13.33
N LEU B 72 2.39 17.88 -12.90
CA LEU B 72 3.27 18.66 -13.77
C LEU B 72 4.36 17.83 -14.46
N ALA B 73 4.80 16.77 -13.81
CA ALA B 73 5.90 15.97 -14.35
C ALA B 73 5.48 14.75 -15.16
N GLN B 74 4.23 14.72 -15.60
CA GLN B 74 3.69 13.53 -16.27
C GLN B 74 4.49 12.88 -17.40
N SER B 75 4.92 13.64 -18.40
CA SER B 75 5.69 13.00 -19.48
C SER B 75 7.14 13.46 -19.53
N ARG B 81 0.55 7.84 -11.89
CA ARG B 81 -0.73 8.48 -11.66
C ARG B 81 -0.86 8.93 -10.21
N PRO B 82 -0.75 10.24 -10.00
CA PRO B 82 -0.77 10.83 -8.65
C PRO B 82 -2.13 10.81 -7.93
N ARG B 83 -3.22 10.98 -8.66
CA ARG B 83 -4.55 11.04 -8.04
C ARG B 83 -4.81 9.91 -7.04
N ASP B 84 -4.67 8.67 -7.51
CA ASP B 84 -4.92 7.51 -6.66
C ASP B 84 -3.96 7.45 -5.48
N LEU B 85 -2.67 7.60 -5.76
CA LEU B 85 -1.65 7.57 -4.72
C LEU B 85 -1.91 8.65 -3.66
N ILE B 86 -2.11 9.87 -4.11
CA ILE B 86 -2.36 10.97 -3.19
C ILE B 86 -3.64 10.75 -2.36
N SER B 87 -4.67 10.22 -2.98
CA SER B 87 -5.91 9.96 -2.26
C SER B 87 -5.68 8.95 -1.13
N ASN B 88 -4.91 7.92 -1.44
CA ASN B 88 -4.62 6.89 -0.45
C ASN B 88 -3.84 7.47 0.72
N ILE B 89 -2.82 8.27 0.42
CA ILE B 89 -2.02 8.93 1.45
C ILE B 89 -2.91 9.79 2.33
N ASN B 90 -3.78 10.57 1.71
CA ASN B 90 -4.64 11.47 2.48
C ASN B 90 -5.49 10.67 3.46
N VAL B 91 -6.09 9.58 3.00
CA VAL B 91 -6.90 8.74 3.87
C VAL B 91 -6.08 8.20 5.04
N ILE B 92 -4.92 7.63 4.75
CA ILE B 92 -4.06 7.10 5.79
C ILE B 92 -3.66 8.15 6.82
N VAL B 93 -3.21 9.30 6.34
CA VAL B 93 -2.77 10.37 7.22
C VAL B 93 -3.86 10.82 8.20
N LEU B 94 -5.09 10.89 7.71
CA LEU B 94 -6.24 11.27 8.55
C LEU B 94 -6.52 10.18 9.58
N GLU B 95 -6.43 8.93 9.16
CA GLU B 95 -6.60 7.80 10.07
C GLU B 95 -5.57 7.87 11.19
N LEU B 96 -4.31 8.08 10.82
CA LEU B 96 -3.22 8.15 11.80
C LEU B 96 -3.32 9.35 12.72
N LYS B 97 -3.40 10.54 12.15
CA LYS B 97 -3.44 11.76 12.93
C LYS B 97 -4.85 12.08 13.42
N THR B 102 -5.08 17.15 18.30
CA THR B 102 -5.16 18.13 17.22
C THR B 102 -4.01 19.12 17.32
N PHE B 103 -3.28 19.29 16.22
CA PHE B 103 -2.05 20.05 16.23
C PHE B 103 -1.96 21.10 15.11
N MET B 104 -1.34 22.23 15.42
CA MET B 104 -1.10 23.28 14.45
C MET B 104 0.35 23.17 14.01
N CYS B 105 0.55 22.88 12.73
CA CYS B 105 1.90 22.65 12.19
C CYS B 105 2.84 23.85 12.22
N GLU B 106 4.04 23.61 12.75
CA GLU B 106 5.09 24.61 12.73
C GLU B 106 6.06 24.23 11.62
N TYR B 107 6.24 25.13 10.66
CA TYR B 107 7.12 24.88 9.52
C TYR B 107 8.46 25.59 9.66
N ALA B 108 9.53 24.94 9.20
CA ALA B 108 10.83 25.58 9.16
C ALA B 108 10.74 26.77 8.23
N ASP B 109 11.70 27.69 8.31
CA ASP B 109 11.65 28.89 7.49
C ASP B 109 12.09 28.64 6.06
N GLU B 110 12.95 27.64 5.91
CA GLU B 110 13.48 27.24 4.61
C GLU B 110 12.57 26.19 3.98
N THR B 111 12.12 26.44 2.75
CA THR B 111 11.34 25.45 2.02
C THR B 111 12.35 24.47 1.43
N ALA B 112 11.87 23.43 0.75
CA ALA B 112 12.79 22.44 0.21
C ALA B 112 12.25 21.77 -1.04
N THR B 113 13.09 20.97 -1.70
CA THR B 113 12.69 20.30 -2.92
C THR B 113 11.84 19.08 -2.61
N ILE B 114 11.18 18.55 -3.63
CA ILE B 114 10.32 17.39 -3.43
C ILE B 114 11.07 16.17 -2.88
N VAL B 115 12.30 15.94 -3.34
CA VAL B 115 13.05 14.78 -2.88
C VAL B 115 13.42 14.88 -1.40
N GLU B 116 13.73 16.09 -0.93
CA GLU B 116 14.01 16.30 0.48
C GLU B 116 12.74 16.15 1.32
N PHE B 117 11.63 16.61 0.75
CA PHE B 117 10.33 16.54 1.41
C PHE B 117 9.93 15.08 1.59
N LEU B 118 10.01 14.31 0.51
CA LEU B 118 9.67 12.90 0.59
C LEU B 118 10.57 12.16 1.58
N ASN B 119 11.88 12.38 1.48
CA ASN B 119 12.82 11.75 2.41
C ASN B 119 12.57 12.10 3.88
N ARG B 120 12.21 13.35 4.14
CA ARG B 120 11.92 13.79 5.52
C ARG B 120 10.77 13.01 6.15
N TRP B 121 9.70 12.82 5.37
CA TRP B 121 8.54 12.08 5.85
C TRP B 121 8.77 10.57 5.84
N ILE B 122 9.66 10.10 4.97
CA ILE B 122 9.98 8.67 4.93
C ILE B 122 10.66 8.36 6.26
N THR B 123 11.64 9.20 6.61
CA THR B 123 12.36 9.12 7.88
C THR B 123 11.40 9.20 9.06
N PHE B 124 10.45 10.13 8.99
CA PHE B 124 9.43 10.24 10.02
C PHE B 124 8.74 8.89 10.23
N CYS B 125 8.19 8.33 9.15
CA CYS B 125 7.50 7.04 9.24
C CYS B 125 8.36 5.94 9.86
N GLN B 126 9.59 5.79 9.36
CA GLN B 126 10.51 4.77 9.87
C GLN B 126 10.79 4.97 11.36
N SER B 127 10.88 6.22 11.78
CA SER B 127 11.10 6.55 13.17
C SER B 127 9.96 6.08 14.06
N ILE B 128 8.72 6.37 13.67
CA ILE B 128 7.56 5.96 14.45
C ILE B 128 7.41 4.44 14.48
N ILE B 129 7.56 3.80 13.32
CA ILE B 129 7.44 2.35 13.23
C ILE B 129 8.36 1.68 14.25
N SER B 130 9.60 2.15 14.34
CA SER B 130 10.58 1.61 15.28
C SER B 130 10.09 1.68 16.72
N THR B 131 9.31 2.71 17.03
CA THR B 131 8.80 2.91 18.39
C THR B 131 7.67 1.97 18.77
N LEU B 132 6.91 1.51 17.77
CA LEU B 132 5.78 0.63 18.06
C LEU B 132 6.01 -0.81 17.61
N THR B 133 7.23 -1.32 17.83
CA THR B 133 7.55 -2.68 17.45
C THR B 133 7.78 -3.56 18.68
#